data_1OKO
#
_entry.id   1OKO
#
_cell.length_a   49.057
_cell.length_b   53.275
_cell.length_c   160.675
_cell.angle_alpha   90.00
_cell.angle_beta   90.00
_cell.angle_gamma   90.00
#
_symmetry.space_group_name_H-M   'P 21 21 21'
#
loop_
_entity.id
_entity.type
_entity.pdbx_description
1 polymer 'PA-I GALACTOPHILIC LECTIN'
2 non-polymer 'CALCIUM ION'
3 non-polymer beta-D-galactopyranose
4 non-polymer 'SULFATE ION'
5 non-polymer (4S)-2-METHYL-2,4-PENTANEDIOL
6 non-polymer alpha-D-galactopyranose
7 water water
#
_entity_poly.entity_id   1
_entity_poly.type   'polypeptide(L)'
_entity_poly.pdbx_seq_one_letter_code
;AWKGEVLANNEAGQVTSIIYNPGDVITIVAAGWASYGPTQKWGPQGDREHPDQGLICHDAFCGALVMKIGNSGTIPVNTG
LFRWVAPNNVQGAITLIYNDVPGTYGNNSGSFSVNIGKDQS
;
_entity_poly.pdbx_strand_id   A,B,C,D
#
# COMPACT_ATOMS: atom_id res chain seq x y z
N ALA A 1 5.88 8.29 -5.25
CA ALA A 1 5.08 9.36 -4.55
C ALA A 1 5.69 10.73 -4.83
N TRP A 2 4.90 11.78 -4.63
CA TRP A 2 5.34 13.13 -4.88
C TRP A 2 4.53 14.05 -4.04
N LYS A 3 5.18 15.07 -3.52
CA LYS A 3 4.50 16.09 -2.79
C LYS A 3 5.08 17.42 -3.22
N GLY A 4 4.24 18.40 -3.44
CA GLY A 4 4.73 19.74 -3.73
C GLY A 4 3.63 20.75 -3.91
N GLU A 5 4.00 21.92 -4.38
CA GLU A 5 3.09 23.07 -4.47
C GLU A 5 2.77 23.34 -5.92
N VAL A 6 1.52 23.72 -6.17
CA VAL A 6 1.10 24.12 -7.48
C VAL A 6 0.68 25.61 -7.40
N LEU A 7 1.43 26.53 -7.99
CA LEU A 7 1.12 27.96 -7.90
C LEU A 7 0.02 28.32 -8.87
N ALA A 8 -0.91 29.11 -8.39
CA ALA A 8 -2.05 29.52 -9.19
C ALA A 8 -1.62 30.35 -10.41
N ASN A 9 -0.54 31.11 -10.30
CA ASN A 9 -0.07 31.96 -11.41
C ASN A 9 0.89 31.24 -12.39
N ASN A 10 1.07 29.91 -12.21
CA ASN A 10 1.93 29.12 -13.09
C ASN A 10 1.15 28.53 -14.29
N GLU A 11 1.10 29.29 -15.38
CA GLU A 11 0.33 28.88 -16.52
C GLU A 11 0.82 27.56 -17.15
N ALA A 12 2.13 27.32 -17.08
CA ALA A 12 2.67 26.11 -17.68
C ALA A 12 2.34 24.86 -16.86
N GLY A 13 2.00 25.06 -15.59
CA GLY A 13 1.73 23.99 -14.64
C GLY A 13 3.00 23.47 -14.00
N GLN A 14 2.79 22.68 -12.95
CA GLN A 14 3.85 22.07 -12.17
C GLN A 14 3.98 20.61 -12.60
N VAL A 15 5.14 20.27 -13.17
CA VAL A 15 5.43 18.89 -13.54
C VAL A 15 5.78 18.16 -12.24
N THR A 16 5.30 16.95 -12.12
CA THR A 16 5.60 16.14 -10.94
C THR A 16 6.55 15.06 -11.40
N SER A 17 7.09 14.32 -10.44
CA SER A 17 7.91 13.14 -10.74
C SER A 17 7.09 11.85 -10.96
N ILE A 18 5.75 11.94 -10.89
CA ILE A 18 4.89 10.79 -11.11
C ILE A 18 4.73 10.54 -12.61
N ILE A 19 5.08 9.34 -13.05
CA ILE A 19 4.73 8.91 -14.42
C ILE A 19 3.61 7.88 -14.27
N TYR A 20 2.44 8.23 -14.80
CA TYR A 20 1.27 7.36 -14.82
C TYR A 20 1.50 6.34 -15.92
N ASN A 21 1.56 5.05 -15.52
CA ASN A 21 1.69 3.92 -16.45
C ASN A 21 0.39 3.16 -16.58
N PRO A 22 0.12 2.56 -17.74
CA PRO A 22 -1.10 1.75 -17.87
C PRO A 22 -1.28 0.79 -16.71
N GLY A 23 -2.47 0.83 -16.14
CA GLY A 23 -2.93 -0.03 -15.08
C GLY A 23 -2.68 0.58 -13.70
N ASP A 24 -1.98 1.71 -13.62
CA ASP A 24 -1.66 2.30 -12.30
C ASP A 24 -2.95 2.76 -11.64
N VAL A 25 -2.98 2.62 -10.33
CA VAL A 25 -4.04 3.12 -9.45
C VAL A 25 -3.40 4.23 -8.64
N ILE A 26 -3.96 5.43 -8.74
CA ILE A 26 -3.39 6.58 -8.03
C ILE A 26 -4.32 7.26 -7.04
N THR A 27 -3.73 7.93 -6.05
CA THR A 27 -4.49 8.69 -5.10
C THR A 27 -3.83 10.07 -5.00
N ILE A 28 -4.66 11.08 -4.96
CA ILE A 28 -4.23 12.47 -4.91
C ILE A 28 -5.05 13.14 -3.85
N VAL A 29 -4.41 13.95 -3.02
CA VAL A 29 -5.11 14.83 -2.13
C VAL A 29 -4.48 16.20 -2.28
N ALA A 30 -5.33 17.20 -2.45
CA ALA A 30 -4.90 18.57 -2.60
C ALA A 30 -5.55 19.47 -1.56
N ALA A 31 -4.82 20.48 -1.08
CA ALA A 31 -5.31 21.42 -0.08
C ALA A 31 -4.78 22.79 -0.40
N GLY A 32 -5.41 23.78 0.18
CA GLY A 32 -4.93 25.15 0.06
C GLY A 32 -5.93 26.14 -0.48
N TRP A 33 -5.43 27.35 -0.67
CA TRP A 33 -6.22 28.51 -1.01
C TRP A 33 -5.61 29.30 -2.15
N ALA A 34 -6.40 29.61 -3.18
CA ALA A 34 -5.94 30.30 -4.37
C ALA A 34 -7.00 31.16 -4.99
N SER A 35 -6.54 32.09 -5.78
CA SER A 35 -7.41 32.97 -6.53
C SER A 35 -6.98 33.11 -7.96
N TYR A 36 -7.97 33.18 -8.82
CA TYR A 36 -7.86 33.53 -10.21
C TYR A 36 -7.90 35.06 -10.49
N GLY A 37 -7.97 35.88 -9.46
CA GLY A 37 -8.01 37.34 -9.66
C GLY A 37 -8.68 38.10 -8.50
N PRO A 38 -9.88 37.71 -8.14
CA PRO A 38 -10.59 38.36 -7.02
C PRO A 38 -9.82 38.32 -5.69
N THR A 39 -10.14 39.25 -4.80
CA THR A 39 -9.51 39.27 -3.46
C THR A 39 -9.85 38.04 -2.59
N GLN A 40 -10.98 37.37 -2.86
CA GLN A 40 -11.36 36.14 -2.14
C GLN A 40 -10.42 35.02 -2.59
N LYS A 41 -10.40 33.92 -1.83
CA LYS A 41 -9.71 32.70 -2.32
C LYS A 41 -10.67 31.53 -2.20
N TRP A 42 -10.35 30.51 -2.98
CA TRP A 42 -11.08 29.30 -3.00
C TRP A 42 -10.14 28.11 -2.85
N GLY A 43 -10.74 26.99 -2.46
CA GLY A 43 -10.09 25.71 -2.39
C GLY A 43 -9.92 25.04 -3.74
N PRO A 44 -9.41 23.83 -3.70
CA PRO A 44 -9.09 23.09 -4.94
C PRO A 44 -10.27 22.75 -5.84
N GLN A 45 -11.49 22.95 -5.37
CA GLN A 45 -12.65 22.81 -6.26
C GLN A 45 -12.98 24.09 -7.01
N GLY A 46 -12.31 25.19 -6.70
CA GLY A 46 -12.54 26.46 -7.34
C GLY A 46 -13.86 27.11 -6.94
N ASP A 47 -14.33 27.97 -7.83
CA ASP A 47 -15.44 28.88 -7.59
C ASP A 47 -16.64 28.45 -8.37
N ARG A 48 -17.62 27.89 -7.67
CA ARG A 48 -18.81 27.34 -8.35
C ARG A 48 -19.70 28.40 -8.96
N GLU A 49 -19.52 29.65 -8.56
CA GLU A 49 -20.37 30.77 -9.03
C GLU A 49 -19.87 31.43 -10.33
N HIS A 50 -18.62 31.20 -10.71
CA HIS A 50 -18.01 31.95 -11.81
C HIS A 50 -18.22 31.22 -13.12
N PRO A 51 -18.62 31.92 -14.19
CA PRO A 51 -18.83 31.26 -15.49
C PRO A 51 -17.51 30.86 -16.15
N ASP A 52 -17.61 29.90 -17.06
CA ASP A 52 -16.49 29.45 -17.88
C ASP A 52 -16.33 30.41 -19.06
N GLN A 53 -15.21 31.15 -19.06
CA GLN A 53 -14.91 32.13 -20.11
C GLN A 53 -13.74 31.70 -20.99
N GLY A 54 -13.53 30.39 -21.08
CA GLY A 54 -12.51 29.76 -21.90
C GLY A 54 -11.43 29.06 -21.06
N LEU A 55 -11.86 28.35 -20.04
CA LEU A 55 -10.95 27.68 -19.12
C LEU A 55 -10.17 26.59 -19.80
N ILE A 56 -8.98 26.27 -19.28
CA ILE A 56 -8.26 25.14 -19.86
C ILE A 56 -8.96 23.81 -19.59
N CYS A 57 -9.77 23.75 -18.54
CA CYS A 57 -10.58 22.56 -18.31
C CYS A 57 -12.04 22.95 -18.19
N HIS A 58 -12.81 22.54 -19.19
CA HIS A 58 -14.24 22.86 -19.13
C HIS A 58 -15.03 21.96 -18.19
N ASP A 59 -14.43 20.90 -17.64
CA ASP A 59 -15.13 19.97 -16.75
C ASP A 59 -14.83 20.28 -15.25
N ALA A 60 -14.26 21.45 -14.97
CA ALA A 60 -14.04 21.89 -13.59
C ALA A 60 -14.28 23.38 -13.49
N PHE A 61 -14.52 23.87 -12.30
CA PHE A 61 -14.74 25.29 -12.10
C PHE A 61 -13.45 26.10 -12.26
N CYS A 62 -13.62 27.38 -12.55
CA CYS A 62 -12.50 28.31 -12.52
C CYS A 62 -11.87 28.27 -11.13
N GLY A 63 -10.56 28.11 -11.06
CA GLY A 63 -9.82 28.05 -9.82
C GLY A 63 -9.68 26.64 -9.25
N ALA A 64 -10.18 25.63 -9.98
CA ALA A 64 -10.03 24.27 -9.55
C ALA A 64 -8.62 23.77 -9.90
N LEU A 65 -8.18 22.76 -9.19
CA LEU A 65 -6.99 22.00 -9.60
C LEU A 65 -7.35 20.99 -10.71
N VAL A 66 -6.56 20.97 -11.78
CA VAL A 66 -6.68 19.99 -12.87
C VAL A 66 -5.30 19.38 -13.18
N MET A 67 -5.27 18.38 -14.04
CA MET A 67 -4.01 17.82 -14.42
C MET A 67 -4.04 17.40 -15.86
N LYS A 68 -2.85 17.14 -16.34
CA LYS A 68 -2.69 16.43 -17.62
C LYS A 68 -1.84 15.23 -17.30
N ILE A 69 -1.99 14.18 -18.04
CA ILE A 69 -1.14 13.01 -17.94
C ILE A 69 -0.50 12.84 -19.31
N GLY A 70 0.84 12.92 -19.37
CA GLY A 70 1.42 13.06 -20.70
C GLY A 70 0.84 14.27 -21.40
N ASN A 71 0.44 14.07 -22.64
CA ASN A 71 -0.13 15.13 -23.46
C ASN A 71 -1.62 14.90 -23.63
N SER A 72 -2.24 14.35 -22.59
CA SER A 72 -3.69 14.26 -22.52
C SER A 72 -4.34 15.62 -22.47
N GLY A 73 -5.63 15.64 -22.72
CA GLY A 73 -6.40 16.77 -22.30
C GLY A 73 -6.47 16.94 -20.79
N THR A 74 -7.03 18.06 -20.34
CA THR A 74 -7.12 18.33 -18.91
C THR A 74 -8.15 17.43 -18.26
N ILE A 75 -7.83 16.91 -17.07
CA ILE A 75 -8.65 16.03 -16.28
C ILE A 75 -8.85 16.70 -14.94
N PRO A 76 -10.09 16.86 -14.49
CA PRO A 76 -10.28 17.46 -13.16
C PRO A 76 -9.67 16.67 -12.02
N VAL A 77 -9.02 17.37 -11.10
CA VAL A 77 -8.55 16.76 -9.85
C VAL A 77 -9.37 17.22 -8.66
N ASN A 78 -9.64 18.53 -8.60
CA ASN A 78 -10.35 19.13 -7.51
C ASN A 78 -9.63 18.83 -6.20
N THR A 79 -10.31 18.33 -5.17
CA THR A 79 -9.68 18.01 -3.90
C THR A 79 -8.81 16.76 -3.94
N GLY A 80 -8.97 16.00 -5.02
CA GLY A 80 -8.25 14.79 -5.21
C GLY A 80 -9.01 13.64 -5.80
N LEU A 81 -8.31 12.53 -5.84
CA LEU A 81 -8.77 11.33 -6.50
C LEU A 81 -8.45 10.17 -5.60
N PHE A 82 -9.37 9.20 -5.50
CA PHE A 82 -9.18 8.07 -4.58
C PHE A 82 -9.12 6.79 -5.43
N ARG A 83 -7.96 6.16 -5.46
CA ARG A 83 -7.79 4.88 -6.14
C ARG A 83 -8.32 4.89 -7.54
N TRP A 84 -7.80 5.84 -8.30
CA TRP A 84 -8.26 6.23 -9.60
C TRP A 84 -7.42 5.58 -10.67
N VAL A 85 -8.07 5.16 -11.75
CA VAL A 85 -7.41 4.61 -12.91
C VAL A 85 -7.80 5.44 -14.15
N ALA A 86 -6.83 5.68 -15.05
CA ALA A 86 -7.02 6.52 -16.23
C ALA A 86 -7.69 5.72 -17.33
N PRO A 87 -8.35 6.41 -18.26
CA PRO A 87 -8.81 5.73 -19.48
C PRO A 87 -7.67 5.12 -20.29
N ASN A 88 -8.01 4.23 -21.24
CA ASN A 88 -7.01 3.69 -22.16
C ASN A 88 -6.25 4.81 -22.82
N ASN A 89 -5.00 4.55 -23.13
CA ASN A 89 -4.19 5.49 -23.91
C ASN A 89 -3.95 6.83 -23.24
N VAL A 90 -4.02 6.83 -21.91
CA VAL A 90 -3.61 7.99 -21.14
C VAL A 90 -2.45 7.53 -20.30
N GLN A 91 -1.32 8.17 -20.53
CA GLN A 91 -0.07 7.78 -19.85
C GLN A 91 0.98 8.86 -19.93
N GLY A 92 1.93 8.83 -19.03
CA GLY A 92 2.99 9.82 -19.00
C GLY A 92 3.05 10.64 -17.72
N ALA A 93 3.94 11.64 -17.73
CA ALA A 93 4.17 12.48 -16.57
C ALA A 93 2.88 13.22 -16.19
N ILE A 94 2.64 13.32 -14.91
CA ILE A 94 1.51 14.12 -14.41
C ILE A 94 1.96 15.54 -14.26
N THR A 95 1.22 16.45 -14.87
CA THR A 95 1.43 17.88 -14.69
C THR A 95 0.18 18.45 -14.01
N LEU A 96 0.39 19.20 -12.95
CA LEU A 96 -0.70 19.80 -12.15
C LEU A 96 -0.87 21.25 -12.57
N ILE A 97 -2.10 21.68 -12.82
CA ILE A 97 -2.36 23.02 -13.32
C ILE A 97 -3.57 23.64 -12.59
N TYR A 98 -3.44 24.91 -12.28
CA TYR A 98 -4.58 25.76 -11.89
C TYR A 98 -5.47 26.05 -13.07
N ASN A 99 -6.78 25.86 -12.88
CA ASN A 99 -7.76 26.06 -13.98
C ASN A 99 -8.09 27.55 -14.12
N ASP A 100 -7.59 28.16 -15.17
CA ASP A 100 -7.92 29.55 -15.49
C ASP A 100 -7.93 29.68 -17.01
N VAL A 101 -8.28 30.87 -17.52
CA VAL A 101 -8.36 31.12 -18.95
C VAL A 101 -6.95 31.44 -19.44
N PRO A 102 -6.51 30.84 -20.55
CA PRO A 102 -5.17 31.17 -21.07
C PRO A 102 -4.94 32.67 -21.24
N GLY A 103 -3.75 33.11 -20.83
CA GLY A 103 -3.37 34.50 -20.89
C GLY A 103 -3.82 35.37 -19.73
N THR A 104 -4.48 34.76 -18.72
CA THR A 104 -5.04 35.46 -17.58
C THR A 104 -4.48 35.02 -16.24
N TYR A 105 -3.35 34.32 -16.24
CA TYR A 105 -2.78 33.78 -14.99
C TYR A 105 -2.00 34.80 -14.19
N GLY A 106 -1.66 35.91 -14.82
CA GLY A 106 -0.80 36.89 -14.19
C GLY A 106 -1.30 37.53 -12.91
N ASN A 107 -2.61 37.63 -12.77
CA ASN A 107 -3.24 38.18 -11.56
C ASN A 107 -3.70 37.12 -10.53
N ASN A 108 -3.22 35.89 -10.70
CA ASN A 108 -3.57 34.80 -9.80
C ASN A 108 -2.65 34.82 -8.60
N SER A 109 -3.09 34.20 -7.52
CA SER A 109 -2.30 34.14 -6.32
C SER A 109 -2.69 32.92 -5.51
N GLY A 110 -1.84 32.63 -4.56
CA GLY A 110 -2.03 31.43 -3.76
C GLY A 110 -1.49 30.20 -4.46
N SER A 111 -1.71 29.08 -3.78
CA SER A 111 -1.21 27.79 -4.26
C SER A 111 -1.96 26.64 -3.63
N PHE A 112 -1.79 25.48 -4.21
CA PHE A 112 -2.27 24.28 -3.56
C PHE A 112 -1.14 23.34 -3.24
N SER A 113 -1.22 22.69 -2.09
N SER A 113 -1.18 22.73 -2.06
CA SER A 113 -0.28 21.67 -1.69
CA SER A 113 -0.28 21.66 -1.67
C SER A 113 -0.85 20.31 -2.08
C SER A 113 -0.88 20.37 -2.19
N VAL A 114 -0.06 19.51 -2.79
CA VAL A 114 -0.61 18.30 -3.40
C VAL A 114 0.28 17.10 -3.07
N ASN A 115 -0.36 16.00 -2.70
CA ASN A 115 0.34 14.72 -2.48
C ASN A 115 -0.21 13.73 -3.50
N ILE A 116 0.66 12.96 -4.12
CA ILE A 116 0.27 11.91 -5.08
C ILE A 116 0.95 10.63 -4.71
N GLY A 117 0.20 9.54 -4.68
CA GLY A 117 0.73 8.22 -4.47
C GLY A 117 0.19 7.19 -5.43
N LYS A 118 0.95 6.12 -5.64
CA LYS A 118 0.45 4.94 -6.34
C LYS A 118 0.02 3.92 -5.29
N ASP A 119 -1.14 3.34 -5.53
CA ASP A 119 -1.74 2.36 -4.65
C ASP A 119 -1.32 0.95 -5.03
N GLN A 120 -1.64 0.04 -4.11
N GLN A 120 -1.62 0.05 -4.10
CA GLN A 120 -1.39 -1.37 -4.28
CA GLN A 120 -1.36 -1.37 -4.26
C GLN A 120 -2.32 -1.94 -5.34
C GLN A 120 -2.25 -1.92 -5.35
N SER A 121 -1.80 -2.90 -6.11
N SER A 121 -1.68 -2.81 -6.18
CA SER A 121 -2.62 -3.76 -6.95
CA SER A 121 -2.46 -3.53 -7.17
C SER A 121 -2.29 -5.22 -6.64
C SER A 121 -2.02 -5.01 -7.30
N ALA B 1 -12.21 -0.38 2.12
CA ALA B 1 -12.38 1.11 2.18
C ALA B 1 -13.84 1.39 2.51
N TRP B 2 -14.10 2.61 2.97
CA TRP B 2 -15.45 3.13 3.23
C TRP B 2 -15.71 4.31 2.29
N LYS B 3 -16.96 4.48 1.87
CA LYS B 3 -17.36 5.62 1.07
C LYS B 3 -18.77 6.01 1.43
N GLY B 4 -19.01 7.31 1.40
CA GLY B 4 -20.26 7.83 1.91
C GLY B 4 -20.30 9.34 1.91
N GLU B 5 -21.44 9.87 2.33
CA GLU B 5 -21.64 11.29 2.39
C GLU B 5 -21.92 11.71 3.81
N VAL B 6 -21.39 12.86 4.12
CA VAL B 6 -21.52 13.44 5.43
C VAL B 6 -22.43 14.63 5.30
N LEU B 7 -23.60 14.59 5.92
CA LEU B 7 -24.56 15.68 5.73
C LEU B 7 -24.19 16.85 6.62
N ALA B 8 -24.29 18.04 6.06
CA ALA B 8 -23.97 19.23 6.82
C ALA B 8 -24.89 19.44 8.02
N ASN B 9 -26.14 19.01 7.87
CA ASN B 9 -27.15 19.21 8.94
C ASN B 9 -27.22 18.08 9.95
N ASN B 10 -26.28 17.13 9.88
CA ASN B 10 -26.23 15.98 10.79
C ASN B 10 -25.24 16.23 11.96
N GLU B 11 -25.77 16.67 13.09
CA GLU B 11 -24.91 17.01 14.22
C GLU B 11 -24.19 15.79 14.83
N ALA B 12 -24.79 14.62 14.74
CA ALA B 12 -24.20 13.40 15.31
C ALA B 12 -22.99 12.96 14.46
N GLY B 13 -22.98 13.33 13.19
CA GLY B 13 -21.93 12.93 12.27
C GLY B 13 -22.20 11.54 11.73
N GLN B 14 -21.31 11.08 10.86
CA GLN B 14 -21.50 9.85 10.12
C GLN B 14 -20.48 8.82 10.62
N VAL B 15 -20.98 7.75 11.23
CA VAL B 15 -20.11 6.69 11.74
C VAL B 15 -19.67 5.84 10.54
N THR B 16 -18.38 5.63 10.37
CA THR B 16 -17.92 4.82 9.24
C THR B 16 -17.69 3.36 9.68
N SER B 17 -17.24 2.52 8.73
CA SER B 17 -16.88 1.13 9.01
C SER B 17 -15.41 1.01 9.36
N ILE B 18 -14.67 2.11 9.29
CA ILE B 18 -13.24 2.05 9.52
C ILE B 18 -12.93 2.09 11.00
N ILE B 19 -12.20 1.07 11.48
CA ILE B 19 -11.67 1.05 12.81
C ILE B 19 -10.19 1.32 12.76
N TYR B 20 -9.78 2.45 13.34
CA TYR B 20 -8.37 2.81 13.40
C TYR B 20 -7.72 2.06 14.53
N ASN B 21 -6.67 1.30 14.24
CA ASN B 21 -5.87 0.59 15.25
C ASN B 21 -4.49 1.19 15.29
N PRO B 22 -3.82 1.09 16.44
CA PRO B 22 -2.46 1.63 16.55
C PRO B 22 -1.59 1.14 15.38
N GLY B 23 -0.82 2.05 14.79
CA GLY B 23 0.06 1.73 13.67
C GLY B 23 -0.57 1.86 12.30
N ASP B 24 -1.90 1.97 12.25
CA ASP B 24 -2.55 2.06 10.95
C ASP B 24 -2.21 3.37 10.25
N VAL B 25 -2.22 3.31 8.93
CA VAL B 25 -1.94 4.47 8.11
C VAL B 25 -3.17 4.63 7.28
N ILE B 26 -3.75 5.83 7.30
CA ILE B 26 -4.97 6.04 6.54
C ILE B 26 -4.90 7.18 5.54
N THR B 27 -5.78 7.11 4.55
CA THR B 27 -5.90 8.18 3.61
C THR B 27 -7.39 8.49 3.46
N ILE B 28 -7.68 9.78 3.39
CA ILE B 28 -9.04 10.26 3.24
C ILE B 28 -9.03 11.27 2.10
N VAL B 29 -10.03 11.17 1.23
CA VAL B 29 -10.25 12.23 0.25
C VAL B 29 -11.70 12.67 0.36
N ALA B 30 -11.90 13.96 0.51
CA ALA B 30 -13.24 14.52 0.61
C ALA B 30 -13.50 15.56 -0.45
N ALA B 31 -14.75 15.61 -0.91
CA ALA B 31 -15.19 16.53 -1.95
C ALA B 31 -16.61 17.00 -1.65
N GLY B 32 -17.04 18.04 -2.33
CA GLY B 32 -18.43 18.46 -2.18
C GLY B 32 -18.59 19.87 -1.68
N TRP B 33 -19.86 20.20 -1.49
CA TRP B 33 -20.29 21.56 -1.26
C TRP B 33 -21.32 21.56 -0.14
N ALA B 34 -21.10 22.40 0.84
CA ALA B 34 -22.02 22.47 1.97
C ALA B 34 -22.00 23.86 2.57
N SER B 35 -23.02 24.13 3.34
CA SER B 35 -23.12 25.38 4.03
C SER B 35 -23.57 25.21 5.51
N TYR B 36 -23.11 26.15 6.32
CA TYR B 36 -23.47 26.22 7.74
C TYR B 36 -24.64 27.19 7.99
N GLY B 37 -25.24 27.67 6.90
CA GLY B 37 -26.36 28.58 7.01
C GLY B 37 -26.56 29.46 5.79
N PRO B 38 -25.53 30.15 5.32
CA PRO B 38 -25.70 30.97 4.11
C PRO B 38 -26.10 30.24 2.84
N THR B 39 -26.59 30.98 1.86
N THR B 39 -26.64 30.99 1.89
CA THR B 39 -27.05 30.34 0.64
CA THR B 39 -27.03 30.41 0.60
C THR B 39 -25.87 29.89 -0.23
C THR B 39 -25.80 29.80 -0.09
N GLN B 40 -24.71 30.56 -0.07
CA GLN B 40 -23.43 30.14 -0.67
C GLN B 40 -22.99 28.83 0.00
N LYS B 41 -22.19 28.06 -0.72
CA LYS B 41 -21.60 26.85 -0.18
C LYS B 41 -20.07 26.88 -0.26
N TRP B 42 -19.45 26.06 0.57
CA TRP B 42 -17.99 25.96 0.72
C TRP B 42 -17.58 24.53 0.56
N GLY B 43 -16.31 24.29 0.18
CA GLY B 43 -15.77 22.93 0.15
C GLY B 43 -15.35 22.42 1.51
N PRO B 44 -14.73 21.24 1.54
CA PRO B 44 -14.37 20.61 2.82
C PRO B 44 -13.39 21.38 3.71
N GLN B 45 -12.70 22.42 3.20
CA GLN B 45 -11.91 23.28 4.08
C GLN B 45 -12.73 24.32 4.81
N GLY B 46 -14.01 24.46 4.45
CA GLY B 46 -14.87 25.42 5.14
C GLY B 46 -14.68 26.87 4.65
N ASP B 47 -15.13 27.80 5.46
CA ASP B 47 -15.15 29.23 5.20
C ASP B 47 -14.02 29.90 5.99
N ARG B 48 -12.95 30.25 5.30
CA ARG B 48 -11.78 30.80 5.97
C ARG B 48 -12.01 32.20 6.52
N GLU B 49 -13.08 32.84 6.12
CA GLU B 49 -13.39 34.18 6.60
C GLU B 49 -14.35 34.22 7.77
N HIS B 50 -14.94 33.09 8.18
CA HIS B 50 -15.93 33.09 9.29
C HIS B 50 -15.25 32.91 10.64
N PRO B 51 -15.64 33.67 11.67
CA PRO B 51 -15.04 33.46 12.99
C PRO B 51 -15.52 32.17 13.66
N ASP B 52 -14.72 31.70 14.60
CA ASP B 52 -15.07 30.55 15.43
C ASP B 52 -15.94 31.01 16.61
N GLN B 53 -17.20 30.66 16.55
CA GLN B 53 -18.17 31.08 17.56
C GLN B 53 -18.53 29.92 18.51
N GLY B 54 -17.59 28.99 18.68
CA GLY B 54 -17.84 27.78 19.48
C GLY B 54 -17.94 26.48 18.67
N LEU B 55 -17.06 26.34 17.69
CA LEU B 55 -17.05 25.17 16.82
C LEU B 55 -16.72 23.85 17.55
N ILE B 56 -17.16 22.73 17.02
CA ILE B 56 -16.80 21.42 17.65
C ILE B 56 -15.32 21.11 17.51
N CYS B 57 -14.69 21.76 16.52
CA CYS B 57 -13.26 21.69 16.23
C CYS B 57 -12.68 23.08 16.05
N HIS B 58 -11.88 23.55 17.02
CA HIS B 58 -11.30 24.85 16.91
C HIS B 58 -10.07 24.89 16.01
N ASP B 59 -9.67 23.74 15.44
CA ASP B 59 -8.46 23.63 14.63
C ASP B 59 -8.85 23.50 13.15
N ALA B 60 -10.12 23.76 12.84
CA ALA B 60 -10.58 23.87 11.45
C ALA B 60 -11.58 24.98 11.32
N PHE B 61 -11.80 25.43 10.08
CA PHE B 61 -12.77 26.50 9.84
C PHE B 61 -14.21 26.00 10.02
N CYS B 62 -15.14 26.92 10.32
CA CYS B 62 -16.56 26.63 10.16
C CYS B 62 -16.86 26.07 8.74
N GLY B 63 -17.60 24.96 8.68
CA GLY B 63 -17.95 24.34 7.43
C GLY B 63 -16.89 23.38 6.92
N ALA B 64 -15.86 23.12 7.69
CA ALA B 64 -14.83 22.14 7.32
C ALA B 64 -15.25 20.73 7.72
N LEU B 65 -14.67 19.72 7.09
CA LEU B 65 -14.87 18.36 7.47
C LEU B 65 -13.85 18.00 8.58
N VAL B 66 -14.36 17.41 9.65
CA VAL B 66 -13.54 16.94 10.78
C VAL B 66 -13.95 15.49 11.12
N MET B 67 -13.23 14.87 12.05
CA MET B 67 -13.49 13.49 12.46
C MET B 67 -13.16 13.29 13.94
N LYS B 68 -13.71 12.24 14.54
CA LYS B 68 -13.28 11.67 15.80
C LYS B 68 -12.94 10.21 15.56
N ILE B 69 -11.94 9.73 16.27
CA ILE B 69 -11.53 8.34 16.22
C ILE B 69 -11.79 7.78 17.65
N GLY B 70 -12.72 6.85 17.78
CA GLY B 70 -13.14 6.34 19.07
C GLY B 70 -13.47 7.48 20.03
N ASN B 71 -12.83 7.47 21.21
N ASN B 71 -12.86 7.50 21.22
CA ASN B 71 -13.12 8.47 22.27
CA ASN B 71 -13.20 8.51 22.23
C ASN B 71 -12.47 9.85 22.09
C ASN B 71 -12.43 9.84 22.11
N SER B 72 -11.65 10.00 21.04
CA SER B 72 -10.83 11.20 20.88
C SER B 72 -11.63 12.51 20.72
N GLY B 73 -10.91 13.60 20.82
CA GLY B 73 -11.40 14.92 20.42
C GLY B 73 -11.53 14.98 18.89
N THR B 74 -11.99 16.13 18.43
CA THR B 74 -12.07 16.34 16.99
C THR B 74 -10.70 16.58 16.40
N ILE B 75 -10.51 16.05 15.18
CA ILE B 75 -9.32 16.17 14.40
C ILE B 75 -9.74 16.70 13.02
N PRO B 76 -9.05 17.71 12.50
CA PRO B 76 -9.34 18.23 11.15
C PRO B 76 -9.07 17.23 10.07
N VAL B 77 -9.97 17.17 9.11
CA VAL B 77 -9.75 16.39 7.90
C VAL B 77 -9.63 17.32 6.68
N ASN B 78 -10.51 18.33 6.59
CA ASN B 78 -10.50 19.24 5.45
C ASN B 78 -10.64 18.46 4.14
N THR B 79 -9.82 18.70 3.13
CA THR B 79 -9.98 17.98 1.89
C THR B 79 -9.47 16.56 1.98
N GLY B 80 -8.74 16.23 3.04
CA GLY B 80 -8.30 14.87 3.23
C GLY B 80 -6.96 14.79 3.89
N LEU B 81 -6.54 13.56 4.16
CA LEU B 81 -5.33 13.22 4.84
C LEU B 81 -4.62 12.22 3.94
N PHE B 82 -3.31 12.35 3.78
CA PHE B 82 -2.56 11.46 2.90
C PHE B 82 -1.58 10.64 3.73
N ARG B 83 -1.86 9.34 3.81
CA ARG B 83 -0.94 8.44 4.54
C ARG B 83 -0.62 8.94 5.94
N TRP B 84 -1.70 9.13 6.69
CA TRP B 84 -1.70 9.74 8.02
C TRP B 84 -1.69 8.69 9.11
N VAL B 85 -0.93 8.96 10.17
CA VAL B 85 -0.88 8.11 11.35
C VAL B 85 -1.31 8.92 12.59
N ALA B 86 -2.21 8.37 13.39
CA ALA B 86 -2.67 9.01 14.63
C ALA B 86 -1.60 8.93 15.72
N PRO B 87 -1.72 9.79 16.72
CA PRO B 87 -0.97 9.62 17.98
C PRO B 87 -1.14 8.25 18.65
N ASN B 88 -0.11 7.90 19.42
CA ASN B 88 -0.23 6.98 20.55
C ASN B 88 -1.58 7.15 21.25
N ASN B 89 -2.20 6.05 21.64
CA ASN B 89 -3.41 6.06 22.46
C ASN B 89 -4.65 6.68 21.78
N VAL B 90 -4.63 6.80 20.46
CA VAL B 90 -5.81 7.16 19.69
C VAL B 90 -6.20 5.95 18.82
N GLN B 91 -7.39 5.41 19.10
CA GLN B 91 -7.94 4.24 18.41
C GLN B 91 -9.48 4.18 18.45
N GLY B 92 -10.03 3.49 17.46
CA GLY B 92 -11.46 3.22 17.39
C GLY B 92 -12.11 3.59 16.09
N ALA B 93 -13.42 3.47 16.09
CA ALA B 93 -14.18 3.76 14.90
C ALA B 93 -14.06 5.22 14.55
N ILE B 94 -14.01 5.49 13.24
CA ILE B 94 -13.90 6.87 12.74
C ILE B 94 -15.30 7.39 12.47
N THR B 95 -15.64 8.53 13.05
N THR B 95 -15.65 8.50 13.09
CA THR B 95 -16.89 9.22 12.73
CA THR B 95 -16.87 9.24 12.80
C THR B 95 -16.56 10.57 12.13
C THR B 95 -16.47 10.52 12.06
N LEU B 96 -17.17 10.85 10.98
CA LEU B 96 -16.93 12.09 10.24
C LEU B 96 -18.02 13.09 10.62
N ILE B 97 -17.66 14.35 10.75
CA ILE B 97 -18.60 15.37 11.19
C ILE B 97 -18.34 16.68 10.48
N TYR B 98 -19.40 17.35 10.05
CA TYR B 98 -19.34 18.73 9.60
C TYR B 98 -19.06 19.65 10.80
N ASN B 99 -18.16 20.61 10.63
CA ASN B 99 -17.73 21.53 11.70
C ASN B 99 -18.69 22.71 11.82
N ASP B 100 -19.53 22.69 12.85
CA ASP B 100 -20.42 23.82 13.12
C ASP B 100 -20.53 23.98 14.65
N VAL B 101 -21.23 24.99 15.08
CA VAL B 101 -21.39 25.27 16.51
C VAL B 101 -22.49 24.36 17.02
N PRO B 102 -22.30 23.62 18.13
CA PRO B 102 -23.41 22.77 18.61
C PRO B 102 -24.74 23.52 18.75
N GLY B 103 -25.82 22.89 18.37
CA GLY B 103 -27.15 23.49 18.43
C GLY B 103 -27.55 24.30 17.21
N THR B 104 -26.61 24.47 16.25
CA THR B 104 -26.87 25.31 15.07
C THR B 104 -26.81 24.55 13.72
N TYR B 105 -26.90 23.22 13.74
CA TYR B 105 -26.91 22.39 12.53
C TYR B 105 -28.19 22.41 11.69
N GLY B 106 -29.31 22.88 12.27
CA GLY B 106 -30.60 22.76 11.64
C GLY B 106 -30.78 23.54 10.34
N ASN B 107 -30.00 24.61 10.18
CA ASN B 107 -30.07 25.46 8.97
C ASN B 107 -28.98 25.16 7.94
N ASN B 108 -28.32 24.02 8.12
CA ASN B 108 -27.17 23.68 7.30
C ASN B 108 -27.66 22.96 6.10
N SER B 109 -26.86 22.96 5.03
CA SER B 109 -27.25 22.26 3.84
C SER B 109 -26.07 21.68 3.07
N GLY B 110 -26.38 20.71 2.24
CA GLY B 110 -25.37 20.11 1.38
C GLY B 110 -24.64 19.04 2.12
N SER B 111 -23.60 18.53 1.50
CA SER B 111 -22.89 17.41 2.05
C SER B 111 -21.52 17.27 1.42
N PHE B 112 -20.66 16.50 2.09
CA PHE B 112 -19.36 16.11 1.48
C PHE B 112 -19.34 14.61 1.24
N SER B 113 -18.93 14.22 0.03
N SER B 113 -18.87 14.23 0.05
CA SER B 113 -18.57 12.86 -0.26
CA SER B 113 -18.55 12.86 -0.32
C SER B 113 -17.17 12.56 0.30
C SER B 113 -17.13 12.45 0.09
N VAL B 114 -16.99 11.37 0.83
CA VAL B 114 -15.76 11.01 1.51
C VAL B 114 -15.39 9.58 1.20
N ASN B 115 -14.12 9.36 0.80
CA ASN B 115 -13.54 8.02 0.69
C ASN B 115 -12.50 7.88 1.81
N ILE B 116 -12.51 6.77 2.50
CA ILE B 116 -11.46 6.46 3.48
C ILE B 116 -10.91 5.10 3.20
N GLY B 117 -9.59 4.98 3.21
CA GLY B 117 -8.94 3.69 3.08
C GLY B 117 -7.78 3.58 4.01
N LYS B 118 -7.45 2.35 4.34
CA LYS B 118 -6.24 2.01 5.05
C LYS B 118 -5.14 1.74 4.06
N ASP B 119 -4.04 2.41 4.26
CA ASP B 119 -2.86 2.17 3.46
C ASP B 119 -2.05 1.00 4.01
N GLN B 120 -1.09 0.56 3.19
CA GLN B 120 -0.11 -0.40 3.67
C GLN B 120 0.64 0.15 4.86
N SER B 121 1.01 -0.72 5.78
CA SER B 121 1.76 -0.28 6.94
C SER B 121 2.79 -1.33 7.38
N ALA C 1 5.30 -2.02 9.65
CA ALA C 1 5.98 -3.20 9.08
C ALA C 1 7.17 -3.50 9.94
N TRP C 2 7.53 -4.78 9.95
CA TRP C 2 8.57 -5.28 10.80
C TRP C 2 9.57 -6.06 9.96
N LYS C 3 10.84 -5.91 10.28
CA LYS C 3 11.94 -6.64 9.66
C LYS C 3 12.86 -7.13 10.78
N GLY C 4 13.12 -8.42 10.81
CA GLY C 4 14.13 -8.92 11.71
C GLY C 4 14.56 -10.33 11.36
N GLU C 5 15.23 -10.97 12.31
CA GLU C 5 15.77 -12.30 12.14
C GLU C 5 15.21 -13.21 13.21
N VAL C 6 14.88 -14.44 12.85
CA VAL C 6 14.39 -15.42 13.79
C VAL C 6 15.49 -16.46 13.91
N LEU C 7 16.09 -16.52 15.10
CA LEU C 7 17.18 -17.46 15.34
C LEU C 7 16.64 -18.84 15.59
N ALA C 8 17.29 -19.82 15.00
CA ALA C 8 16.84 -21.18 15.12
C ALA C 8 16.92 -21.76 16.53
N ASN C 9 17.83 -21.20 17.30
CA ASN C 9 18.01 -21.64 18.69
C ASN C 9 17.09 -20.92 19.67
N ASN C 10 16.25 -20.01 19.20
CA ASN C 10 15.36 -19.24 20.06
C ASN C 10 14.04 -19.96 20.32
N GLU C 11 14.04 -20.79 21.34
CA GLU C 11 12.86 -21.61 21.66
C GLU C 11 11.61 -20.79 21.96
N ALA C 12 11.77 -19.68 22.70
CA ALA C 12 10.65 -18.85 23.07
C ALA C 12 10.02 -18.16 21.87
N GLY C 13 10.79 -17.97 20.80
CA GLY C 13 10.30 -17.30 19.62
C GLY C 13 10.64 -15.85 19.63
N GLN C 14 10.61 -15.25 18.45
CA GLN C 14 10.90 -13.82 18.26
C GLN C 14 9.59 -13.07 18.20
N VAL C 15 9.34 -12.25 19.22
N VAL C 15 9.29 -12.29 19.23
CA VAL C 15 8.17 -11.39 19.24
CA VAL C 15 8.12 -11.43 19.17
C VAL C 15 8.43 -10.23 18.27
C VAL C 15 8.44 -10.30 18.21
N THR C 16 7.43 -9.89 17.45
CA THR C 16 7.59 -8.81 16.50
C THR C 16 6.79 -7.65 17.05
N SER C 17 6.93 -6.50 16.37
CA SER C 17 6.11 -5.32 16.67
C SER C 17 4.74 -5.35 15.92
N ILE C 18 4.42 -6.43 15.20
CA ILE C 18 3.13 -6.49 14.48
C ILE C 18 2.03 -7.02 15.39
N ILE C 19 0.96 -6.25 15.60
CA ILE C 19 -0.20 -6.75 16.29
C ILE C 19 -1.25 -7.03 15.22
N TYR C 20 -1.64 -8.28 15.11
CA TYR C 20 -2.61 -8.70 14.15
C TYR C 20 -3.97 -8.33 14.74
N ASN C 21 -4.66 -7.44 14.07
CA ASN C 21 -6.01 -7.02 14.46
C ASN C 21 -7.06 -7.65 13.55
N PRO C 22 -8.27 -7.90 14.08
CA PRO C 22 -9.36 -8.45 13.26
C PRO C 22 -9.52 -7.69 11.92
N GLY C 23 -9.55 -8.44 10.84
CA GLY C 23 -9.67 -7.90 9.50
C GLY C 23 -8.35 -7.50 8.84
N ASP C 24 -7.20 -7.62 9.51
CA ASP C 24 -5.96 -7.22 8.87
C ASP C 24 -5.62 -8.21 7.76
N VAL C 25 -4.97 -7.69 6.72
CA VAL C 25 -4.40 -8.51 5.68
C VAL C 25 -2.89 -8.33 5.79
N ILE C 26 -2.17 -9.42 5.89
CA ILE C 26 -0.74 -9.35 6.05
C ILE C 26 0.02 -10.12 5.01
N THR C 27 1.23 -9.67 4.77
CA THR C 27 2.17 -10.42 3.92
C THR C 27 3.44 -10.66 4.76
N ILE C 28 3.99 -11.86 4.65
CA ILE C 28 5.25 -12.25 5.27
C ILE C 28 6.10 -12.87 4.18
N VAL C 29 7.35 -12.44 4.10
CA VAL C 29 8.39 -13.08 3.30
C VAL C 29 9.57 -13.50 4.21
N ALA C 30 9.96 -14.76 4.15
CA ALA C 30 11.07 -15.30 4.97
C ALA C 30 12.14 -15.89 4.10
N ALA C 31 13.39 -15.76 4.53
CA ALA C 31 14.55 -16.25 3.74
C ALA C 31 15.68 -16.70 4.65
N GLY C 32 16.56 -17.55 4.19
CA GLY C 32 17.78 -17.87 4.92
C GLY C 32 17.92 -19.35 5.18
N TRP C 33 18.92 -19.69 5.98
CA TRP C 33 19.38 -21.05 6.13
C TRP C 33 19.57 -21.32 7.63
N ALA C 34 19.05 -22.44 8.06
CA ALA C 34 19.15 -22.81 9.47
C ALA C 34 19.13 -24.30 9.63
N SER C 35 19.54 -24.76 10.81
CA SER C 35 19.57 -26.15 11.14
C SER C 35 19.00 -26.40 12.53
N TYR C 36 18.41 -27.57 12.67
CA TYR C 36 17.89 -28.08 13.93
C TYR C 36 18.90 -29.01 14.58
N GLY C 37 20.10 -29.09 14.02
CA GLY C 37 21.19 -29.86 14.63
C GLY C 37 22.26 -30.33 13.64
N PRO C 38 21.84 -30.95 12.53
CA PRO C 38 22.79 -31.42 11.51
C PRO C 38 23.66 -30.36 10.89
N THR C 39 24.76 -30.78 10.22
CA THR C 39 25.67 -29.87 9.57
C THR C 39 24.94 -29.19 8.44
N GLN C 40 24.06 -29.96 7.79
CA GLN C 40 23.25 -29.48 6.72
C GLN C 40 22.32 -28.37 7.18
N LYS C 41 22.01 -27.42 6.31
CA LYS C 41 20.98 -26.40 6.60
C LYS C 41 19.84 -26.47 5.58
N TRP C 42 18.70 -25.96 6.03
CA TRP C 42 17.45 -25.87 5.26
C TRP C 42 16.85 -24.48 5.31
N GLY C 43 16.04 -24.16 4.31
CA GLY C 43 15.38 -22.89 4.29
C GLY C 43 14.09 -22.94 5.07
N PRO C 44 13.30 -21.87 4.96
CA PRO C 44 12.11 -21.69 5.79
C PRO C 44 10.99 -22.76 5.64
N GLN C 45 11.04 -23.59 4.61
CA GLN C 45 10.13 -24.71 4.50
C GLN C 45 10.59 -25.93 5.33
N GLY C 46 11.84 -25.87 5.81
CA GLY C 46 12.39 -26.96 6.67
C GLY C 46 12.80 -28.19 5.88
N ASP C 47 12.89 -29.31 6.57
CA ASP C 47 13.47 -30.54 6.07
C ASP C 47 12.33 -31.53 5.82
N ARG C 48 12.00 -31.73 4.56
CA ARG C 48 10.91 -32.59 4.17
C ARG C 48 11.21 -34.07 4.42
N GLU C 49 12.45 -34.40 4.74
CA GLU C 49 12.82 -35.80 4.93
C GLU C 49 12.85 -36.19 6.40
N HIS C 50 12.70 -35.24 7.30
CA HIS C 50 12.88 -35.53 8.73
C HIS C 50 11.52 -35.87 9.38
N PRO C 51 11.43 -36.90 10.22
CA PRO C 51 10.12 -37.21 10.82
C PRO C 51 9.76 -36.24 11.95
N ASP C 52 8.48 -36.04 12.18
CA ASP C 52 7.96 -35.28 13.32
C ASP C 52 8.16 -36.09 14.60
N GLN C 53 9.09 -35.63 15.46
CA GLN C 53 9.36 -36.23 16.76
C GLN C 53 8.76 -35.43 17.95
N GLY C 54 7.67 -34.68 17.69
CA GLY C 54 7.03 -33.84 18.70
C GLY C 54 7.27 -32.34 18.49
N LEU C 55 7.20 -31.94 17.21
CA LEU C 55 7.36 -30.53 16.82
C LEU C 55 6.29 -29.63 17.39
N ILE C 56 6.61 -28.35 17.62
CA ILE C 56 5.62 -27.37 18.08
C ILE C 56 4.53 -27.11 17.06
N CYS C 57 4.84 -27.38 15.79
CA CYS C 57 3.83 -27.32 14.72
C CYS C 57 3.85 -28.60 13.89
N HIS C 58 2.77 -29.37 13.97
CA HIS C 58 2.65 -30.62 13.24
C HIS C 58 2.28 -30.46 11.78
N ASP C 59 1.91 -29.23 11.38
CA ASP C 59 1.49 -28.95 10.01
C ASP C 59 2.60 -28.29 9.18
N ALA C 60 3.82 -28.37 9.69
CA ALA C 60 5.04 -27.97 8.94
C ALA C 60 6.18 -28.90 9.24
N PHE C 61 7.18 -28.94 8.39
CA PHE C 61 8.38 -29.74 8.60
C PHE C 61 9.25 -29.17 9.74
N CYS C 62 10.02 -30.09 10.30
CA CYS C 62 11.08 -29.68 11.23
C CYS C 62 11.97 -28.68 10.49
N GLY C 63 12.31 -27.57 11.15
CA GLY C 63 13.17 -26.57 10.55
C GLY C 63 12.46 -25.51 9.75
N ALA C 64 11.15 -25.60 9.72
CA ALA C 64 10.34 -24.60 9.06
C ALA C 64 10.03 -23.40 9.96
N LEU C 65 9.62 -22.30 9.35
CA LEU C 65 9.13 -21.19 10.08
C LEU C 65 7.65 -21.28 10.35
N VAL C 66 7.26 -21.04 11.60
CA VAL C 66 5.88 -21.01 12.00
C VAL C 66 5.67 -19.74 12.84
N MET C 67 4.43 -19.48 13.18
CA MET C 67 4.10 -18.32 13.96
C MET C 67 2.94 -18.60 14.92
N LYS C 68 2.84 -17.79 15.95
CA LYS C 68 1.63 -17.66 16.72
C LYS C 68 1.19 -16.22 16.63
N ILE C 69 -0.10 -16.03 16.74
CA ILE C 69 -0.75 -14.74 16.86
C ILE C 69 -1.43 -14.73 18.25
N GLY C 70 -0.99 -13.82 19.11
CA GLY C 70 -1.27 -13.91 20.52
C GLY C 70 -0.79 -15.26 21.02
N ASN C 71 -1.64 -15.94 21.77
CA ASN C 71 -1.29 -17.29 22.22
C ASN C 71 -2.10 -18.33 21.43
N SER C 72 -2.29 -18.07 20.14
CA SER C 72 -2.86 -19.08 19.26
C SER C 72 -1.99 -20.33 19.19
N GLY C 73 -2.58 -21.40 18.65
CA GLY C 73 -1.79 -22.52 18.15
C GLY C 73 -0.81 -22.06 17.09
N THR C 74 0.24 -22.86 16.86
CA THR C 74 1.20 -22.56 15.77
C THR C 74 0.51 -22.64 14.39
N ILE C 75 0.92 -21.71 13.52
CA ILE C 75 0.38 -21.52 12.19
C ILE C 75 1.60 -21.61 11.30
N PRO C 76 1.57 -22.48 10.31
CA PRO C 76 2.68 -22.55 9.37
C PRO C 76 2.88 -21.26 8.56
N VAL C 77 4.13 -20.84 8.44
CA VAL C 77 4.51 -19.68 7.64
C VAL C 77 5.33 -20.13 6.41
N ASN C 78 6.34 -20.98 6.65
CA ASN C 78 7.25 -21.46 5.62
C ASN C 78 7.91 -20.27 4.93
N THR C 79 7.90 -20.18 3.58
CA THR C 79 8.54 -19.02 2.94
C THR C 79 7.74 -17.71 3.07
N GLY C 80 6.50 -17.78 3.48
CA GLY C 80 5.68 -16.59 3.63
C GLY C 80 4.21 -16.79 3.31
N LEU C 81 3.49 -15.70 3.51
CA LEU C 81 2.05 -15.68 3.35
C LEU C 81 1.82 -14.44 2.54
N PHE C 82 0.94 -14.53 1.56
CA PHE C 82 0.68 -13.39 0.70
C PHE C 82 -0.76 -12.93 0.86
N ARG C 83 -0.92 -11.72 1.36
CA ARG C 83 -2.26 -11.12 1.53
C ARG C 83 -3.21 -12.07 2.22
N TRP C 84 -2.79 -12.44 3.40
CA TRP C 84 -3.39 -13.50 4.21
C TRP C 84 -4.20 -12.94 5.38
N VAL C 85 -5.32 -13.58 5.65
N VAL C 85 -5.35 -13.56 5.64
CA VAL C 85 -6.21 -13.19 6.74
CA VAL C 85 -6.24 -13.18 6.74
C VAL C 85 -6.29 -14.36 7.72
C VAL C 85 -6.34 -14.34 7.72
N ALA C 86 -6.24 -14.05 9.02
CA ALA C 86 -6.29 -15.08 10.07
C ALA C 86 -7.74 -15.52 10.26
N PRO C 87 -7.97 -16.65 10.95
CA PRO C 87 -9.34 -16.98 11.39
C PRO C 87 -9.91 -15.90 12.31
N ASN C 88 -11.23 -15.79 12.41
CA ASN C 88 -11.91 -14.59 12.96
C ASN C 88 -11.57 -14.25 14.39
N ASN C 89 -11.32 -15.29 15.18
CA ASN C 89 -11.07 -15.10 16.60
C ASN C 89 -9.58 -14.92 16.93
N VAL C 90 -8.72 -14.95 15.93
CA VAL C 90 -7.28 -14.88 16.10
C VAL C 90 -6.79 -13.45 16.03
N GLN C 91 -6.09 -13.02 17.06
CA GLN C 91 -5.50 -11.68 17.11
C GLN C 91 -4.45 -11.59 18.22
N GLY C 92 -3.63 -10.55 18.16
CA GLY C 92 -2.55 -10.30 19.09
C GLY C 92 -1.20 -10.20 18.39
N ALA C 93 -0.13 -10.07 19.17
CA ALA C 93 1.20 -9.91 18.64
C ALA C 93 1.62 -11.17 17.89
N ILE C 94 2.35 -10.96 16.80
CA ILE C 94 2.89 -12.06 15.99
C ILE C 94 4.23 -12.42 16.56
N THR C 95 4.37 -13.68 16.97
CA THR C 95 5.63 -14.29 17.37
C THR C 95 6.01 -15.30 16.30
N LEU C 96 7.25 -15.18 15.84
CA LEU C 96 7.87 -16.05 14.88
C LEU C 96 8.74 -17.08 15.56
N ILE C 97 8.61 -18.33 15.14
CA ILE C 97 9.29 -19.45 15.79
C ILE C 97 9.83 -20.48 14.85
N TYR C 98 11.09 -20.90 15.04
CA TYR C 98 11.63 -22.02 14.30
C TYR C 98 10.90 -23.31 14.77
N ASN C 99 10.53 -24.20 13.84
CA ASN C 99 9.85 -25.43 14.20
C ASN C 99 10.84 -26.53 14.64
N ASP C 100 10.88 -26.81 15.94
CA ASP C 100 11.69 -27.92 16.50
C ASP C 100 10.89 -28.54 17.66
N VAL C 101 11.43 -29.59 18.22
CA VAL C 101 10.86 -30.26 19.38
C VAL C 101 11.22 -29.48 20.67
N PRO C 102 10.25 -29.24 21.55
CA PRO C 102 10.55 -28.53 22.80
C PRO C 102 11.74 -29.13 23.56
N GLY C 103 12.64 -28.30 24.10
CA GLY C 103 13.83 -28.75 24.83
C GLY C 103 15.04 -29.05 23.95
N THR C 104 14.86 -29.01 22.61
CA THR C 104 15.96 -29.43 21.72
C THR C 104 16.48 -28.30 20.87
N TYR C 105 16.20 -27.07 21.25
CA TYR C 105 16.61 -25.91 20.45
C TYR C 105 18.07 -25.51 20.63
N GLY C 106 18.71 -25.98 21.70
CA GLY C 106 20.02 -25.50 22.05
C GLY C 106 21.14 -25.84 21.08
N ASN C 107 20.91 -26.87 20.27
CA ASN C 107 21.89 -27.24 19.25
C ASN C 107 21.57 -26.68 17.88
N ASN C 108 20.57 -25.81 17.77
CA ASN C 108 20.20 -25.23 16.48
C ASN C 108 21.17 -24.11 16.07
N SER C 109 21.17 -23.86 14.79
CA SER C 109 22.02 -22.84 14.24
C SER C 109 21.37 -22.14 13.06
N GLY C 110 21.90 -20.96 12.76
CA GLY C 110 21.37 -20.15 11.68
C GLY C 110 20.13 -19.41 12.06
N SER C 111 19.53 -18.76 11.05
CA SER C 111 18.38 -17.91 11.31
C SER C 111 17.69 -17.63 10.00
N PHE C 112 16.46 -17.18 10.11
CA PHE C 112 15.73 -16.67 8.95
C PHE C 112 15.53 -15.17 9.06
N SER C 113 15.67 -14.48 7.95
N SER C 113 15.66 -14.51 7.98
CA SER C 113 15.32 -13.09 7.87
CA SER C 113 15.35 -13.08 7.85
C SER C 113 13.90 -12.99 7.41
C SER C 113 13.86 -13.15 7.55
N VAL C 114 13.10 -12.24 8.14
CA VAL C 114 11.68 -12.19 7.95
C VAL C 114 11.22 -10.75 7.89
N ASN C 115 10.34 -10.48 6.92
CA ASN C 115 9.72 -9.19 6.85
C ASN C 115 8.20 -9.38 6.89
N ILE C 116 7.52 -8.51 7.60
CA ILE C 116 6.07 -8.57 7.73
C ILE C 116 5.52 -7.16 7.47
N GLY C 117 4.45 -7.11 6.71
CA GLY C 117 3.73 -5.87 6.52
C GLY C 117 2.21 -6.09 6.43
N LYS C 118 1.48 -5.00 6.64
CA LYS C 118 0.03 -5.00 6.45
C LYS C 118 -0.31 -4.41 5.10
N ASP C 119 -1.25 -5.04 4.44
CA ASP C 119 -1.67 -4.64 3.13
C ASP C 119 -2.83 -3.65 3.22
N GLN C 120 -3.02 -2.96 2.11
CA GLN C 120 -4.05 -1.92 1.93
C GLN C 120 -5.39 -2.59 2.01
N SER C 121 -6.34 -1.90 2.65
N SER C 121 -6.38 -1.84 2.50
CA SER C 121 -7.63 -2.48 3.00
CA SER C 121 -7.77 -2.23 2.34
C SER C 121 -8.69 -1.40 3.15
C SER C 121 -8.60 -1.00 1.96
N ALA D 1 -2.44 -7.95 -8.92
CA ALA D 1 -1.63 -9.14 -8.52
C ALA D 1 -1.74 -10.31 -9.49
N TRP D 2 -0.78 -11.22 -9.37
CA TRP D 2 -0.65 -12.37 -10.25
C TRP D 2 -0.34 -13.55 -9.35
N LYS D 3 -0.93 -14.70 -9.67
CA LYS D 3 -0.69 -15.96 -8.95
C LYS D 3 -0.53 -17.05 -9.99
N GLY D 4 0.46 -17.91 -9.83
CA GLY D 4 0.70 -18.92 -10.84
C GLY D 4 1.73 -19.90 -10.36
N GLU D 5 2.00 -20.86 -11.21
CA GLU D 5 2.96 -21.91 -10.86
C GLU D 5 4.07 -21.91 -11.93
N VAL D 6 5.30 -22.10 -11.49
CA VAL D 6 6.44 -22.03 -12.37
C VAL D 6 6.97 -23.48 -12.41
N LEU D 7 6.96 -24.16 -13.57
CA LEU D 7 7.49 -25.53 -13.62
C LEU D 7 9.00 -25.54 -13.77
N ALA D 8 9.62 -26.46 -13.07
CA ALA D 8 11.08 -26.58 -13.04
C ALA D 8 11.59 -27.03 -14.40
N ASN D 9 10.76 -27.71 -15.20
CA ASN D 9 11.23 -28.17 -16.50
C ASN D 9 11.06 -27.18 -17.65
N ASN D 10 10.59 -25.97 -17.34
CA ASN D 10 10.26 -24.99 -18.38
C ASN D 10 11.42 -24.03 -18.52
N GLU D 11 12.24 -24.30 -19.54
CA GLU D 11 13.47 -23.55 -19.76
C GLU D 11 13.22 -22.13 -20.15
N ALA D 12 12.04 -21.85 -20.67
CA ALA D 12 11.68 -20.48 -21.06
C ALA D 12 11.16 -19.69 -19.89
N GLY D 13 10.75 -20.36 -18.81
CA GLY D 13 10.14 -19.72 -17.66
C GLY D 13 8.71 -19.30 -17.98
N GLN D 14 8.03 -18.74 -16.98
CA GLN D 14 6.59 -18.39 -17.10
C GLN D 14 6.43 -16.87 -17.07
N VAL D 15 5.87 -16.28 -18.13
CA VAL D 15 5.57 -14.85 -18.15
C VAL D 15 4.36 -14.60 -17.26
N THR D 16 4.41 -13.50 -16.52
CA THR D 16 3.32 -13.11 -15.67
C THR D 16 2.63 -11.90 -16.28
N SER D 17 1.56 -11.47 -15.63
CA SER D 17 0.79 -10.30 -16.06
C SER D 17 1.36 -9.00 -15.50
N ILE D 18 2.38 -9.09 -14.65
CA ILE D 18 2.94 -7.95 -13.97
C ILE D 18 3.96 -7.26 -14.89
N ILE D 19 3.72 -5.97 -15.17
CA ILE D 19 4.67 -5.13 -15.85
C ILE D 19 5.34 -4.27 -14.79
N TYR D 20 6.66 -4.37 -14.69
CA TYR D 20 7.40 -3.55 -13.77
C TYR D 20 7.78 -2.25 -14.48
N ASN D 21 7.42 -1.13 -13.90
CA ASN D 21 7.87 0.19 -14.36
C ASN D 21 8.78 0.86 -13.35
N PRO D 22 9.61 1.80 -13.80
CA PRO D 22 10.41 2.58 -12.87
C PRO D 22 9.60 3.18 -11.70
N GLY D 23 10.15 3.07 -10.51
CA GLY D 23 9.49 3.54 -9.31
C GLY D 23 8.68 2.47 -8.61
N ASP D 24 8.30 1.40 -9.32
CA ASP D 24 7.41 0.42 -8.76
C ASP D 24 8.06 -0.31 -7.57
N VAL D 25 7.25 -0.66 -6.61
CA VAL D 25 7.66 -1.46 -5.44
C VAL D 25 6.81 -2.72 -5.56
N ILE D 26 7.45 -3.88 -5.49
CA ILE D 26 6.78 -5.16 -5.63
C ILE D 26 7.11 -6.13 -4.54
N THR D 27 6.20 -7.09 -4.33
CA THR D 27 6.40 -8.15 -3.33
C THR D 27 6.09 -9.47 -4.06
N ILE D 28 6.97 -10.42 -3.83
CA ILE D 28 6.83 -11.78 -4.37
C ILE D 28 6.96 -12.74 -3.20
N VAL D 29 6.13 -13.78 -3.18
CA VAL D 29 6.26 -14.90 -2.23
C VAL D 29 6.21 -16.16 -3.06
N ALA D 30 7.23 -17.00 -2.94
CA ALA D 30 7.35 -18.22 -3.72
C ALA D 30 7.43 -19.43 -2.76
N ALA D 31 6.73 -20.53 -3.08
CA ALA D 31 6.65 -21.72 -2.23
C ALA D 31 6.71 -22.99 -3.06
N GLY D 32 7.18 -24.08 -2.50
CA GLY D 32 7.14 -25.36 -3.19
C GLY D 32 8.39 -26.16 -3.23
N TRP D 33 8.34 -27.28 -3.92
CA TRP D 33 9.43 -28.24 -3.91
C TRP D 33 9.68 -28.66 -5.35
N ALA D 34 10.93 -28.60 -5.75
CA ALA D 34 11.34 -28.89 -7.08
C ALA D 34 12.74 -29.47 -7.11
N SER D 35 13.07 -30.09 -8.24
CA SER D 35 14.38 -30.66 -8.42
C SER D 35 14.92 -30.36 -9.81
N TYR D 36 16.24 -30.25 -9.88
CA TYR D 36 16.97 -30.08 -11.11
C TYR D 36 17.48 -31.43 -11.69
N GLY D 37 17.12 -32.54 -11.07
CA GLY D 37 17.50 -33.85 -11.56
C GLY D 37 17.45 -34.94 -10.53
N PRO D 38 18.08 -34.73 -9.40
CA PRO D 38 18.10 -35.75 -8.35
C PRO D 38 16.75 -36.09 -7.76
N THR D 39 16.62 -37.21 -7.05
CA THR D 39 15.34 -37.56 -6.47
C THR D 39 14.92 -36.70 -5.28
N GLN D 40 15.87 -36.05 -4.61
CA GLN D 40 15.62 -35.06 -3.59
C GLN D 40 14.87 -33.88 -4.21
N LYS D 41 14.25 -33.05 -3.36
CA LYS D 41 13.65 -31.78 -3.81
C LYS D 41 14.10 -30.68 -2.89
N TRP D 42 14.12 -29.48 -3.46
CA TRP D 42 14.61 -28.26 -2.76
C TRP D 42 13.54 -27.21 -2.90
N GLY D 43 13.51 -26.27 -1.95
CA GLY D 43 12.62 -25.13 -2.06
C GLY D 43 13.18 -24.06 -2.99
N PRO D 44 12.52 -22.90 -3.02
CA PRO D 44 12.88 -21.81 -3.94
C PRO D 44 14.24 -21.18 -3.76
N GLN D 45 14.96 -21.48 -2.65
CA GLN D 45 16.36 -21.08 -2.57
C GLN D 45 17.33 -22.07 -3.25
N GLY D 46 16.83 -23.23 -3.67
CA GLY D 46 17.64 -24.22 -4.33
C GLY D 46 18.59 -24.98 -3.43
N ASP D 47 19.65 -25.52 -4.01
CA ASP D 47 20.53 -26.50 -3.41
C ASP D 47 21.88 -25.80 -3.14
N ARG D 48 22.06 -25.43 -1.88
CA ARG D 48 23.28 -24.70 -1.48
C ARG D 48 24.56 -25.53 -1.59
N GLU D 49 24.45 -26.84 -1.81
CA GLU D 49 25.62 -27.70 -1.91
C GLU D 49 26.12 -27.92 -3.34
N HIS D 50 25.34 -27.53 -4.33
CA HIS D 50 25.61 -27.90 -5.70
C HIS D 50 26.44 -26.84 -6.40
N PRO D 51 27.50 -27.24 -7.11
CA PRO D 51 28.32 -26.25 -7.80
C PRO D 51 27.59 -25.60 -9.00
N ASP D 52 27.98 -24.39 -9.33
CA ASP D 52 27.52 -23.69 -10.52
C ASP D 52 28.27 -24.27 -11.73
N GLN D 53 27.55 -24.97 -12.61
CA GLN D 53 28.11 -25.57 -13.84
C GLN D 53 27.57 -24.87 -15.11
N GLY D 54 27.20 -23.60 -14.97
CA GLY D 54 26.76 -22.79 -16.09
C GLY D 54 25.30 -22.38 -15.97
N LEU D 55 24.93 -22.00 -14.76
CA LEU D 55 23.55 -21.63 -14.43
C LEU D 55 23.10 -20.37 -15.19
N ILE D 56 21.79 -20.29 -15.48
CA ILE D 56 21.26 -19.04 -16.09
C ILE D 56 21.41 -17.81 -15.13
N CYS D 57 21.55 -18.07 -13.83
CA CYS D 57 21.78 -17.05 -12.82
C CYS D 57 22.89 -17.49 -11.85
N HIS D 58 24.03 -16.80 -11.94
CA HIS D 58 25.17 -17.12 -11.10
C HIS D 58 25.10 -16.55 -9.71
N ASP D 59 24.10 -15.71 -9.45
CA ASP D 59 23.90 -15.10 -8.16
C ASP D 59 22.87 -15.84 -7.30
N ALA D 60 22.50 -17.06 -7.70
CA ALA D 60 21.56 -17.92 -6.96
C ALA D 60 21.96 -19.36 -7.14
N PHE D 61 21.59 -20.22 -6.20
CA PHE D 61 21.90 -21.63 -6.29
C PHE D 61 21.12 -22.34 -7.38
N CYS D 62 21.69 -23.47 -7.81
CA CYS D 62 20.96 -24.36 -8.74
C CYS D 62 19.66 -24.79 -8.05
N GLY D 63 18.52 -24.64 -8.76
CA GLY D 63 17.22 -25.01 -8.26
C GLY D 63 16.52 -23.85 -7.58
N ALA D 64 17.11 -22.65 -7.62
CA ALA D 64 16.45 -21.46 -7.07
C ALA D 64 15.47 -20.87 -8.06
N LEU D 65 14.53 -20.10 -7.56
CA LEU D 65 13.66 -19.30 -8.45
C LEU D 65 14.39 -18.00 -8.77
N VAL D 66 14.43 -17.65 -10.05
CA VAL D 66 14.94 -16.39 -10.54
C VAL D 66 13.93 -15.75 -11.53
N MET D 67 14.25 -14.56 -11.98
CA MET D 67 13.38 -13.87 -12.89
C MET D 67 14.16 -13.00 -13.86
N LYS D 68 13.46 -12.59 -14.92
CA LYS D 68 13.92 -11.52 -15.80
C LYS D 68 12.80 -10.53 -15.84
N ILE D 69 13.13 -9.27 -16.03
CA ILE D 69 12.12 -8.21 -16.15
C ILE D 69 12.42 -7.54 -17.48
N GLY D 70 11.51 -7.68 -18.44
CA GLY D 70 11.77 -7.21 -19.78
C GLY D 70 13.10 -7.72 -20.29
N ASN D 71 13.92 -6.80 -20.78
CA ASN D 71 15.23 -7.09 -21.40
C ASN D 71 16.38 -7.29 -20.41
N SER D 72 16.08 -7.48 -19.13
CA SER D 72 17.13 -7.60 -18.13
C SER D 72 17.84 -8.97 -18.17
N GLY D 73 18.95 -9.06 -17.47
CA GLY D 73 19.52 -10.34 -17.11
C GLY D 73 18.70 -10.99 -16.00
N THR D 74 19.10 -12.20 -15.63
CA THR D 74 18.50 -12.85 -14.48
C THR D 74 18.79 -12.16 -13.14
N ILE D 75 17.76 -12.14 -12.32
CA ILE D 75 17.76 -11.56 -10.99
C ILE D 75 17.23 -12.65 -10.04
N PRO D 76 17.92 -12.92 -8.94
CA PRO D 76 17.43 -13.90 -7.96
C PRO D 76 16.14 -13.46 -7.28
N VAL D 77 15.20 -14.39 -7.18
CA VAL D 77 13.96 -14.22 -6.41
C VAL D 77 14.06 -15.05 -5.13
N ASN D 78 14.53 -16.30 -5.26
CA ASN D 78 14.59 -17.20 -4.12
C ASN D 78 13.20 -17.37 -3.44
N THR D 79 13.07 -17.17 -2.12
CA THR D 79 11.74 -17.31 -1.48
C THR D 79 10.80 -16.17 -1.79
N GLY D 80 11.36 -15.07 -2.28
CA GLY D 80 10.59 -13.88 -2.50
C GLY D 80 11.34 -12.62 -2.23
N LEU D 81 10.62 -11.53 -2.46
CA LEU D 81 11.14 -10.16 -2.34
C LEU D 81 10.09 -9.33 -1.63
N PHE D 82 10.47 -8.54 -0.64
CA PHE D 82 9.53 -7.77 0.12
C PHE D 82 9.71 -6.28 -0.16
N ARG D 83 8.68 -5.66 -0.68
CA ARG D 83 8.71 -4.24 -1.00
C ARG D 83 10.00 -3.81 -1.69
N TRP D 84 10.23 -4.43 -2.82
CA TRP D 84 11.49 -4.39 -3.54
C TRP D 84 11.41 -3.49 -4.73
N VAL D 85 12.51 -2.80 -4.98
CA VAL D 85 12.65 -1.92 -6.11
C VAL D 85 13.80 -2.50 -6.98
N ALA D 86 13.52 -2.58 -8.28
CA ALA D 86 14.44 -3.15 -9.25
C ALA D 86 15.64 -2.25 -9.55
N PRO D 87 16.71 -2.84 -10.07
CA PRO D 87 17.85 -2.03 -10.48
C PRO D 87 17.47 -0.95 -11.51
N ASN D 88 18.36 -0.01 -11.61
CA ASN D 88 18.20 1.12 -12.49
C ASN D 88 17.88 0.69 -13.92
N ASN D 89 16.87 1.34 -14.46
CA ASN D 89 16.41 1.18 -15.85
C ASN D 89 15.66 -0.08 -16.22
N VAL D 90 15.45 -0.95 -15.25
CA VAL D 90 14.81 -2.22 -15.48
C VAL D 90 13.31 -1.90 -15.70
N GLN D 91 12.72 -2.51 -16.70
CA GLN D 91 11.32 -2.26 -17.05
C GLN D 91 10.81 -3.39 -17.89
N GLY D 92 9.56 -3.74 -17.65
CA GLY D 92 8.85 -4.65 -18.51
C GLY D 92 8.23 -5.82 -17.78
N ALA D 93 7.77 -6.79 -18.55
CA ALA D 93 7.03 -7.91 -18.03
C ALA D 93 7.93 -8.81 -17.19
N ILE D 94 7.43 -9.28 -16.06
CA ILE D 94 8.19 -10.22 -15.23
C ILE D 94 7.99 -11.64 -15.75
N THR D 95 9.10 -12.34 -15.98
CA THR D 95 9.11 -13.76 -16.32
C THR D 95 9.83 -14.49 -15.21
N LEU D 96 9.22 -15.58 -14.73
CA LEU D 96 9.81 -16.39 -13.68
C LEU D 96 10.39 -17.64 -14.24
N ILE D 97 11.57 -18.02 -13.74
CA ILE D 97 12.32 -19.15 -14.31
C ILE D 97 13.03 -19.96 -13.22
N TYR D 98 13.04 -21.27 -13.39
CA TYR D 98 13.81 -22.17 -12.51
C TYR D 98 15.29 -22.03 -12.89
N ASN D 99 16.18 -21.91 -11.92
CA ASN D 99 17.63 -21.76 -12.22
C ASN D 99 18.27 -23.13 -12.45
N ASP D 100 18.66 -23.37 -13.68
CA ASP D 100 19.37 -24.61 -14.06
C ASP D 100 20.29 -24.23 -15.25
N VAL D 101 21.09 -25.19 -15.68
CA VAL D 101 22.00 -25.04 -16.78
C VAL D 101 21.23 -25.24 -18.08
N PRO D 102 21.43 -24.33 -19.03
CA PRO D 102 20.79 -24.43 -20.33
C PRO D 102 20.99 -25.79 -20.97
N GLY D 103 19.90 -26.31 -21.56
CA GLY D 103 19.87 -27.63 -22.14
C GLY D 103 19.69 -28.80 -21.18
N THR D 104 19.59 -28.54 -19.88
CA THR D 104 19.54 -29.64 -18.90
C THR D 104 18.22 -29.63 -18.12
N TYR D 105 17.21 -28.95 -18.63
CA TYR D 105 15.94 -28.85 -17.91
C TYR D 105 15.03 -30.08 -18.04
N GLY D 106 15.34 -30.95 -18.99
CA GLY D 106 14.52 -32.11 -19.28
C GLY D 106 14.31 -33.13 -18.17
N ASN D 107 15.27 -33.22 -17.23
CA ASN D 107 15.08 -34.11 -16.09
C ASN D 107 14.60 -33.42 -14.81
N ASN D 108 14.10 -32.19 -14.95
CA ASN D 108 13.65 -31.39 -13.79
C ASN D 108 12.22 -31.81 -13.43
N SER D 109 11.79 -31.58 -12.19
CA SER D 109 10.48 -31.96 -11.70
C SER D 109 10.01 -30.98 -10.66
N GLY D 110 8.70 -30.93 -10.47
CA GLY D 110 8.10 -30.04 -9.52
C GLY D 110 7.88 -28.62 -10.02
N SER D 111 7.46 -27.76 -9.09
CA SER D 111 7.06 -26.41 -9.43
C SER D 111 7.10 -25.56 -8.20
N PHE D 112 7.15 -24.25 -8.42
CA PHE D 112 6.89 -23.29 -7.39
C PHE D 112 5.56 -22.55 -7.60
N SER D 113 4.83 -22.38 -6.51
CA SER D 113 3.62 -21.56 -6.51
C SER D 113 4.08 -20.14 -6.12
N VAL D 114 3.73 -19.14 -6.92
CA VAL D 114 4.29 -17.81 -6.78
C VAL D 114 3.11 -16.80 -6.82
N ASN D 115 3.16 -15.82 -5.92
CA ASN D 115 2.29 -14.66 -5.90
C ASN D 115 3.16 -13.44 -6.11
N ILE D 116 2.71 -12.51 -6.96
CA ILE D 116 3.37 -11.21 -7.14
C ILE D 116 2.34 -10.10 -7.04
N GLY D 117 2.62 -9.09 -6.22
CA GLY D 117 1.79 -7.91 -6.21
C GLY D 117 2.60 -6.64 -6.24
N LYS D 118 1.95 -5.57 -6.70
CA LYS D 118 2.59 -4.26 -6.63
C LYS D 118 2.20 -3.58 -5.34
N ASP D 119 3.18 -3.01 -4.64
CA ASP D 119 2.92 -2.32 -3.38
C ASP D 119 2.69 -0.84 -3.64
N GLN D 120 2.31 -0.15 -2.57
CA GLN D 120 2.23 1.31 -2.60
C GLN D 120 3.56 1.93 -2.85
N SER D 121 3.53 3.03 -3.58
CA SER D 121 4.76 3.72 -3.88
C SER D 121 4.52 5.22 -4.10
#